data_1BF6
#
_entry.id   1BF6
#
_cell.length_a   42.070
_cell.length_b   80.800
_cell.length_c   98.200
_cell.angle_alpha   90.00
_cell.angle_beta   97.10
_cell.angle_gamma   90.00
#
_symmetry.space_group_name_H-M   'P 1 21 1'
#
loop_
_entity.id
_entity.type
_entity.pdbx_description
1 polymer 'PHOSPHOTRIESTERASE HOMOLOGY PROTEIN'
2 non-polymer 'ZINC ION'
3 non-polymer 'SULFATE ION'
4 non-polymer (4S)-2-METHYL-2,4-PENTANEDIOL
5 non-polymer GLYCEROL
6 water water
#
_entity_poly.entity_id   1
_entity_poly.type   'polypeptide(L)'
_entity_poly.pdbx_seq_one_letter_code
;SFDPTGYTLAHEHLHIDLSGFKNNVDCRLDQYAFICQEMNDLMTRGVRNVIEMTNRYMGRNAQFMLDVMRETGINVVACT
GYYQDAFFPEHVATRSVQELAQEMVDEIEQGIDGTELKAGIIAEIGTSEGKITPLEEKVFIAAALAHNQTGRPISTHTSF
STMGLEQLALLQAHGVDLSRVTVGHCDLKDNLDNILKMIDLGAYVQFDTIGKNSYYPDEKRIAMLHALRDRGLLNRVMLS
MDITRRSHLKANGGYGYDYLLTTFIPQLRQSGFSQADVDVMLRENPSQFFQ
;
_entity_poly.pdbx_strand_id   A,B
#
loop_
_chem_comp.id
_chem_comp.type
_chem_comp.name
_chem_comp.formula
GOL non-polymer GLYCEROL 'C3 H8 O3'
MPD non-polymer (4S)-2-METHYL-2,4-PENTANEDIOL 'C6 H14 O2'
SO4 non-polymer 'SULFATE ION' 'O4 S -2'
ZN non-polymer 'ZINC ION' 'Zn 2'
#
# COMPACT_ATOMS: atom_id res chain seq x y z
N SER A 1 -12.34 -34.81 -2.33
CA SER A 1 -11.05 -34.16 -2.71
C SER A 1 -10.82 -32.89 -1.88
N PHE A 2 -10.64 -31.73 -2.53
CA PHE A 2 -10.42 -30.46 -1.83
C PHE A 2 -11.66 -30.11 -1.00
N ASP A 3 -11.45 -29.80 0.28
CA ASP A 3 -12.52 -29.46 1.21
C ASP A 3 -12.46 -27.96 1.46
N PRO A 4 -13.37 -27.18 0.85
CA PRO A 4 -13.41 -25.73 1.01
C PRO A 4 -13.94 -25.24 2.36
N THR A 5 -14.47 -26.18 3.16
CA THR A 5 -14.99 -25.83 4.48
C THR A 5 -13.90 -25.77 5.54
N GLY A 6 -12.71 -26.29 5.23
CA GLY A 6 -11.62 -26.25 6.19
C GLY A 6 -10.45 -25.38 5.77
N TYR A 7 -9.45 -25.27 6.65
CA TYR A 7 -8.26 -24.47 6.38
C TYR A 7 -7.31 -25.17 5.41
N THR A 8 -6.47 -24.36 4.76
CA THR A 8 -5.50 -24.87 3.80
C THR A 8 -4.12 -24.26 4.05
N LEU A 9 -3.10 -25.11 4.16
CA LEU A 9 -1.70 -24.66 4.33
C LEU A 9 -1.24 -24.60 2.86
N ALA A 10 -1.00 -23.39 2.39
CA ALA A 10 -0.65 -23.12 0.99
C ALA A 10 0.70 -23.57 0.44
N HIS A 11 1.62 -23.96 1.33
CA HIS A 11 2.96 -24.36 0.88
C HIS A 11 3.67 -25.23 1.90
N GLU A 12 3.63 -26.53 1.68
CA GLU A 12 4.23 -27.49 2.58
C GLU A 12 4.91 -28.64 1.85
N HIS A 13 5.68 -29.42 2.60
CA HIS A 13 6.32 -30.61 2.09
C HIS A 13 5.98 -31.72 3.07
N LEU A 14 5.44 -32.82 2.56
CA LEU A 14 5.12 -33.98 3.38
C LEU A 14 6.18 -35.04 3.14
N HIS A 15 6.68 -35.09 1.91
CA HIS A 15 7.75 -36.00 1.55
C HIS A 15 8.66 -35.33 0.55
N ILE A 16 9.81 -34.91 1.05
CA ILE A 16 10.81 -34.25 0.24
C ILE A 16 12.15 -34.85 0.61
N ASP A 17 13.04 -34.95 -0.38
CA ASP A 17 14.36 -35.51 -0.15
C ASP A 17 15.43 -34.76 -0.93
N LEU A 18 16.04 -33.77 -0.27
CA LEU A 18 17.12 -32.99 -0.85
C LEU A 18 18.43 -33.38 -0.14
N SER A 19 18.43 -34.57 0.48
CA SER A 19 19.58 -35.03 1.23
C SER A 19 20.79 -35.33 0.35
N GLY A 20 20.55 -35.75 -0.89
CA GLY A 20 21.64 -36.07 -1.80
C GLY A 20 22.42 -34.83 -2.24
N PHE A 21 21.73 -33.69 -2.34
CA PHE A 21 22.34 -32.44 -2.75
C PHE A 21 23.12 -31.81 -1.59
N LYS A 22 22.65 -32.08 -0.38
CA LYS A 22 23.24 -31.50 0.83
C LYS A 22 24.16 -32.39 1.66
N ASN A 23 23.90 -33.70 1.62
CA ASN A 23 24.61 -34.71 2.41
C ASN A 23 24.14 -34.57 3.86
N ASN A 24 22.84 -34.36 4.01
CA ASN A 24 22.24 -34.16 5.32
C ASN A 24 20.90 -34.89 5.39
N VAL A 25 20.86 -35.95 6.19
CA VAL A 25 19.64 -36.74 6.36
C VAL A 25 18.46 -35.92 6.94
N ASP A 26 18.74 -34.76 7.50
CA ASP A 26 17.71 -33.89 8.06
C ASP A 26 16.81 -33.41 6.90
N CYS A 27 17.44 -33.23 5.74
CA CYS A 27 16.76 -32.80 4.52
C CYS A 27 15.95 -33.91 3.82
N ARG A 28 15.94 -35.10 4.42
CA ARG A 28 15.16 -36.22 3.91
C ARG A 28 13.91 -36.34 4.80
N LEU A 29 12.92 -35.48 4.51
CA LEU A 29 11.67 -35.48 5.27
C LEU A 29 10.77 -36.61 4.74
N ASP A 30 10.87 -37.78 5.37
CA ASP A 30 10.10 -38.94 4.94
C ASP A 30 9.68 -39.86 6.11
N GLN A 31 9.57 -39.30 7.31
CA GLN A 31 9.18 -40.07 8.48
C GLN A 31 7.67 -40.18 8.57
N TYR A 32 7.17 -41.25 7.97
CA TYR A 32 5.76 -41.51 7.87
C TYR A 32 4.89 -41.35 9.11
N ALA A 33 5.18 -42.12 10.16
CA ALA A 33 4.40 -42.05 11.39
C ALA A 33 4.31 -40.62 11.93
N PHE A 34 5.46 -39.95 12.01
CA PHE A 34 5.51 -38.57 12.50
C PHE A 34 4.69 -37.63 11.62
N ILE A 35 4.81 -37.76 10.30
CA ILE A 35 4.07 -36.89 9.40
C ILE A 35 2.56 -37.12 9.52
N CYS A 36 2.15 -38.38 9.66
CA CYS A 36 0.74 -38.70 9.85
C CYS A 36 0.22 -38.08 11.16
N GLN A 37 1.03 -38.14 12.22
CA GLN A 37 0.63 -37.56 13.51
C GLN A 37 0.45 -36.05 13.38
N GLU A 38 1.34 -35.40 12.62
CA GLU A 38 1.28 -33.96 12.40
C GLU A 38 0.01 -33.59 11.62
N MET A 39 -0.41 -34.46 10.70
CA MET A 39 -1.61 -34.18 9.91
C MET A 39 -2.84 -34.32 10.80
N ASN A 40 -2.82 -35.28 11.72
CA ASN A 40 -3.93 -35.46 12.66
C ASN A 40 -4.04 -34.22 13.56
N ASP A 41 -2.90 -33.66 13.96
CA ASP A 41 -2.87 -32.45 14.80
C ASP A 41 -3.48 -31.28 14.01
N LEU A 42 -3.12 -31.20 12.73
CA LEU A 42 -3.65 -30.14 11.88
C LEU A 42 -5.17 -30.25 11.77
N MET A 43 -5.65 -31.49 11.61
CA MET A 43 -7.08 -31.77 11.47
C MET A 43 -7.88 -31.27 12.69
N THR A 44 -7.31 -31.40 13.88
CA THR A 44 -8.00 -30.95 15.10
C THR A 44 -8.17 -29.42 15.16
N ARG A 45 -7.31 -28.69 14.44
CA ARG A 45 -7.37 -27.23 14.41
C ARG A 45 -8.11 -26.70 13.18
N GLY A 46 -8.85 -27.59 12.50
CA GLY A 46 -9.64 -27.19 11.35
C GLY A 46 -9.03 -27.25 9.96
N VAL A 47 -7.79 -27.73 9.87
CA VAL A 47 -7.13 -27.85 8.57
C VAL A 47 -7.67 -29.06 7.84
N ARG A 48 -7.98 -28.90 6.55
CA ARG A 48 -8.49 -30.00 5.76
C ARG A 48 -7.64 -30.27 4.50
N ASN A 49 -6.90 -29.25 4.06
CA ASN A 49 -6.05 -29.36 2.84
C ASN A 49 -4.63 -28.87 3.03
N VAL A 50 -3.69 -29.52 2.33
CA VAL A 50 -2.28 -29.14 2.35
C VAL A 50 -1.81 -29.19 0.90
N ILE A 51 -1.26 -28.08 0.42
CA ILE A 51 -0.73 -27.98 -0.94
C ILE A 51 0.75 -28.38 -0.86
N GLU A 52 1.05 -29.58 -1.35
CA GLU A 52 2.39 -30.13 -1.32
C GLU A 52 3.25 -29.60 -2.49
N MET A 53 4.38 -29.00 -2.14
CA MET A 53 5.29 -28.33 -3.07
C MET A 53 6.51 -29.10 -3.58
N THR A 54 6.56 -30.41 -3.33
CA THR A 54 7.68 -31.23 -3.75
C THR A 54 7.48 -31.76 -5.17
N ASN A 55 8.19 -31.21 -6.15
CA ASN A 55 8.06 -31.73 -7.51
C ASN A 55 8.96 -32.97 -7.68
N ARG A 56 8.86 -33.64 -8.82
CA ARG A 56 9.60 -34.88 -9.04
C ARG A 56 11.04 -34.99 -8.55
N TYR A 57 11.91 -34.11 -9.04
CA TYR A 57 13.32 -34.15 -8.70
C TYR A 57 13.74 -33.49 -7.39
N MET A 58 12.74 -33.22 -6.55
CA MET A 58 12.95 -32.68 -5.22
C MET A 58 12.74 -33.86 -4.27
N GLY A 59 12.39 -35.00 -4.83
CA GLY A 59 12.18 -36.19 -4.02
C GLY A 59 10.72 -36.49 -3.70
N ARG A 60 9.82 -36.10 -4.61
CA ARG A 60 8.40 -36.36 -4.42
C ARG A 60 8.11 -37.85 -4.31
N ASN A 61 7.06 -38.19 -3.58
CA ASN A 61 6.64 -39.58 -3.40
C ASN A 61 5.14 -39.61 -3.33
N ALA A 62 4.51 -39.82 -4.49
CA ALA A 62 3.06 -39.85 -4.61
C ALA A 62 2.41 -40.90 -3.70
N GLN A 63 3.00 -42.09 -3.61
CA GLN A 63 2.43 -43.15 -2.79
C GLN A 63 2.38 -42.75 -1.31
N PHE A 64 3.44 -42.10 -0.86
CA PHE A 64 3.56 -41.63 0.53
C PHE A 64 2.43 -40.66 0.82
N MET A 65 2.15 -39.77 -0.14
CA MET A 65 1.09 -38.78 0.01
C MET A 65 -0.29 -39.45 -0.01
N LEU A 66 -0.46 -40.45 -0.87
CA LEU A 66 -1.72 -41.19 -0.96
C LEU A 66 -1.98 -41.90 0.36
N ASP A 67 -0.90 -42.45 0.93
CA ASP A 67 -0.97 -43.17 2.20
C ASP A 67 -1.32 -42.24 3.36
N VAL A 68 -0.69 -41.06 3.39
CA VAL A 68 -0.95 -40.08 4.45
C VAL A 68 -2.44 -39.72 4.42
N MET A 69 -2.98 -39.48 3.22
CA MET A 69 -4.40 -39.15 3.06
C MET A 69 -5.33 -40.27 3.55
N ARG A 70 -4.97 -41.50 3.19
CA ARG A 70 -5.73 -42.68 3.57
C ARG A 70 -5.79 -42.82 5.09
N GLU A 71 -4.64 -42.62 5.74
CA GLU A 71 -4.50 -42.75 7.18
C GLU A 71 -5.19 -41.66 8.01
N THR A 72 -4.98 -40.41 7.62
CA THR A 72 -5.49 -39.25 8.36
C THR A 72 -6.75 -38.56 7.83
N GLY A 73 -7.09 -38.76 6.55
CA GLY A 73 -8.26 -38.10 6.01
C GLY A 73 -7.97 -36.69 5.51
N ILE A 74 -6.75 -36.22 5.68
CA ILE A 74 -6.42 -34.89 5.21
C ILE A 74 -6.32 -34.96 3.68
N ASN A 75 -6.57 -33.84 3.01
CA ASN A 75 -6.48 -33.79 1.56
C ASN A 75 -5.16 -33.17 1.13
N VAL A 76 -4.43 -33.87 0.27
CA VAL A 76 -3.14 -33.36 -0.19
C VAL A 76 -3.16 -33.07 -1.69
N VAL A 77 -2.83 -31.84 -2.06
CA VAL A 77 -2.76 -31.46 -3.45
C VAL A 77 -1.29 -31.54 -3.88
N ALA A 78 -0.99 -32.49 -4.75
CA ALA A 78 0.36 -32.70 -5.27
C ALA A 78 0.74 -31.71 -6.38
N CYS A 79 2.03 -31.55 -6.66
CA CYS A 79 2.48 -30.61 -7.69
C CYS A 79 3.35 -31.23 -8.79
N THR A 80 3.61 -30.44 -9.81
CA THR A 80 4.49 -30.82 -10.93
C THR A 80 5.33 -29.61 -11.30
N GLY A 81 6.60 -29.84 -11.65
CA GLY A 81 7.45 -28.74 -12.05
C GLY A 81 8.93 -29.00 -11.83
N TYR A 82 9.73 -27.95 -11.88
CA TYR A 82 11.17 -28.02 -11.65
C TYR A 82 11.51 -26.92 -10.64
N TYR A 83 12.41 -27.24 -9.74
CA TYR A 83 12.80 -26.36 -8.62
C TYR A 83 13.55 -25.07 -8.90
N GLN A 84 14.88 -25.10 -8.86
CA GLN A 84 15.69 -23.92 -9.14
C GLN A 84 17.01 -24.37 -9.75
N ASP A 85 17.75 -23.42 -10.30
CA ASP A 85 19.00 -23.69 -10.99
C ASP A 85 19.96 -24.71 -10.37
N ALA A 86 20.32 -24.49 -9.12
CA ALA A 86 21.25 -25.38 -8.43
C ALA A 86 20.77 -26.82 -8.25
N PHE A 87 19.46 -27.03 -8.28
CA PHE A 87 18.89 -28.37 -8.09
C PHE A 87 18.36 -29.06 -9.35
N PHE A 88 18.44 -28.39 -10.50
CA PHE A 88 17.92 -28.98 -11.75
C PHE A 88 18.69 -30.23 -12.24
N PRO A 89 17.95 -31.24 -12.74
CA PRO A 89 18.63 -32.43 -13.26
C PRO A 89 19.27 -31.93 -14.57
N GLU A 90 20.22 -32.70 -15.12
CA GLU A 90 20.90 -32.32 -16.36
C GLU A 90 19.94 -32.07 -17.52
N HIS A 91 18.91 -32.88 -17.61
CA HIS A 91 17.94 -32.79 -18.71
C HIS A 91 17.10 -31.51 -18.84
N VAL A 92 17.14 -30.64 -17.83
CA VAL A 92 16.40 -29.40 -17.97
C VAL A 92 17.06 -28.56 -19.08
N ALA A 93 18.38 -28.67 -19.20
CA ALA A 93 19.10 -27.93 -20.25
C ALA A 93 18.98 -28.59 -21.63
N THR A 94 18.99 -29.92 -21.67
CA THR A 94 18.94 -30.66 -22.93
C THR A 94 17.57 -30.88 -23.54
N ARG A 95 16.52 -30.89 -22.71
CA ARG A 95 15.17 -31.03 -23.25
C ARG A 95 14.71 -29.65 -23.73
N SER A 96 13.75 -29.62 -24.65
CA SER A 96 13.24 -28.35 -25.15
C SER A 96 12.15 -27.88 -24.18
N VAL A 97 11.86 -26.59 -24.22
CA VAL A 97 10.81 -26.02 -23.39
C VAL A 97 9.47 -26.76 -23.60
N GLN A 98 9.23 -27.23 -24.83
CA GLN A 98 8.00 -27.96 -25.16
C GLN A 98 7.97 -29.32 -24.44
N GLU A 99 9.11 -29.99 -24.38
CA GLU A 99 9.15 -31.28 -23.69
C GLU A 99 8.91 -31.08 -22.19
N LEU A 100 9.48 -30.01 -21.63
CA LEU A 100 9.29 -29.72 -20.20
C LEU A 100 7.80 -29.47 -19.93
N ALA A 101 7.14 -28.68 -20.79
CA ALA A 101 5.71 -28.39 -20.67
C ALA A 101 4.86 -29.66 -20.80
N GLN A 102 5.20 -30.53 -21.74
CA GLN A 102 4.45 -31.76 -21.94
C GLN A 102 4.50 -32.63 -20.68
N GLU A 103 5.66 -32.69 -20.06
CA GLU A 103 5.84 -33.48 -18.84
C GLU A 103 4.90 -32.96 -17.75
N MET A 104 4.86 -31.65 -17.56
CA MET A 104 4.01 -31.05 -16.54
C MET A 104 2.53 -31.31 -16.84
N VAL A 105 2.13 -31.17 -18.12
CA VAL A 105 0.75 -31.45 -18.52
C VAL A 105 0.34 -32.90 -18.24
N ASP A 106 1.22 -33.87 -18.53
CA ASP A 106 0.90 -35.27 -18.29
C ASP A 106 0.85 -35.62 -16.79
N GLU A 107 1.63 -34.92 -15.99
CA GLU A 107 1.62 -35.18 -14.56
C GLU A 107 0.29 -34.69 -13.97
N ILE A 108 -0.27 -33.65 -14.62
CA ILE A 108 -1.56 -33.07 -14.24
C ILE A 108 -2.73 -33.92 -14.74
N GLU A 109 -2.61 -34.40 -15.99
CA GLU A 109 -3.66 -35.17 -16.65
C GLU A 109 -3.69 -36.66 -16.43
N GLN A 110 -2.53 -37.32 -16.45
CA GLN A 110 -2.49 -38.77 -16.28
C GLN A 110 -2.15 -39.27 -14.87
N GLY A 111 -1.12 -38.69 -14.26
CA GLY A 111 -0.73 -39.13 -12.93
C GLY A 111 0.74 -38.91 -12.63
N ILE A 112 1.10 -39.09 -11.37
CA ILE A 112 2.47 -38.90 -10.94
C ILE A 112 3.04 -40.15 -10.26
N ASP A 113 4.34 -40.36 -10.47
CA ASP A 113 5.08 -41.47 -9.89
C ASP A 113 4.45 -42.85 -10.04
N GLY A 114 3.78 -43.07 -11.17
CA GLY A 114 3.17 -44.36 -11.43
C GLY A 114 1.91 -44.67 -10.64
N THR A 115 1.33 -43.67 -10.01
CA THR A 115 0.13 -43.87 -9.21
C THR A 115 -1.08 -43.20 -9.86
N GLU A 116 -2.23 -43.36 -9.22
CA GLU A 116 -3.49 -42.78 -9.68
C GLU A 116 -3.57 -41.29 -9.31
N LEU A 117 -2.71 -40.84 -8.40
CA LEU A 117 -2.69 -39.43 -7.98
C LEU A 117 -2.19 -38.54 -9.13
N LYS A 118 -2.81 -37.36 -9.28
CA LYS A 118 -2.42 -36.41 -10.32
C LYS A 118 -1.99 -35.10 -9.69
N ALA A 119 -1.10 -34.38 -10.38
CA ALA A 119 -0.66 -33.09 -9.91
C ALA A 119 -1.81 -32.08 -10.07
N GLY A 120 -2.08 -31.32 -9.01
CA GLY A 120 -3.14 -30.33 -9.06
C GLY A 120 -2.66 -28.91 -9.21
N ILE A 121 -1.34 -28.70 -9.24
CA ILE A 121 -0.76 -27.37 -9.35
C ILE A 121 0.66 -27.49 -9.94
N ILE A 122 1.10 -26.45 -10.65
CA ILE A 122 2.45 -26.41 -11.25
C ILE A 122 3.23 -25.68 -10.18
N ALA A 123 4.11 -26.40 -9.52
CA ALA A 123 4.78 -25.78 -8.37
C ALA A 123 5.98 -26.60 -7.89
N GLU A 124 6.78 -26.33 -6.85
CA GLU A 124 7.22 -25.04 -6.58
C GLU A 124 8.25 -24.59 -7.62
N ILE A 125 7.90 -23.66 -8.51
CA ILE A 125 8.85 -23.26 -9.52
C ILE A 125 9.60 -22.05 -9.04
N GLY A 126 10.91 -22.24 -8.86
CA GLY A 126 11.71 -21.15 -8.34
C GLY A 126 12.78 -20.48 -9.17
N THR A 127 13.24 -19.38 -8.62
CA THR A 127 14.31 -18.60 -9.21
C THR A 127 15.41 -18.47 -8.15
N SER A 128 16.62 -18.15 -8.57
CA SER A 128 17.74 -18.01 -7.66
C SER A 128 17.73 -16.68 -6.92
N GLU A 129 18.64 -16.53 -5.96
CA GLU A 129 18.71 -15.29 -5.20
C GLU A 129 19.20 -14.10 -6.02
N GLY A 130 18.30 -13.14 -6.23
CA GLY A 130 18.64 -11.93 -6.96
C GLY A 130 18.79 -12.07 -8.46
N LYS A 131 18.38 -13.21 -9.01
CA LYS A 131 18.48 -13.44 -10.44
C LYS A 131 17.65 -14.60 -10.95
N ILE A 132 17.23 -14.50 -12.21
CA ILE A 132 16.50 -15.57 -12.86
C ILE A 132 17.51 -16.06 -13.90
N THR A 133 18.00 -17.29 -13.73
CA THR A 133 18.98 -17.86 -14.64
C THR A 133 18.29 -18.31 -15.94
N PRO A 134 19.07 -18.53 -17.02
CA PRO A 134 18.49 -18.97 -18.29
C PRO A 134 17.66 -20.26 -18.14
N LEU A 135 18.12 -21.21 -17.32
CA LEU A 135 17.38 -22.44 -17.13
C LEU A 135 16.08 -22.22 -16.35
N GLU A 136 16.12 -21.32 -15.38
CA GLU A 136 14.92 -21.00 -14.60
C GLU A 136 13.90 -20.31 -15.51
N GLU A 137 14.38 -19.40 -16.38
CA GLU A 137 13.50 -18.71 -17.32
C GLU A 137 12.77 -19.75 -18.18
N LYS A 138 13.52 -20.73 -18.68
CA LYS A 138 12.99 -21.80 -19.52
C LYS A 138 11.92 -22.59 -18.76
N VAL A 139 12.20 -22.90 -17.48
CA VAL A 139 11.22 -23.63 -16.68
C VAL A 139 9.93 -22.78 -16.49
N PHE A 140 10.09 -21.49 -16.23
CA PHE A 140 8.93 -20.61 -16.08
C PHE A 140 8.12 -20.51 -17.38
N ILE A 141 8.80 -20.52 -18.53
CA ILE A 141 8.07 -20.46 -19.81
C ILE A 141 7.29 -21.77 -20.00
N ALA A 142 7.91 -22.90 -19.65
CA ALA A 142 7.27 -24.19 -19.75
C ALA A 142 6.04 -24.22 -18.83
N ALA A 143 6.18 -23.63 -17.65
CA ALA A 143 5.09 -23.58 -16.68
C ALA A 143 3.92 -22.80 -17.29
N ALA A 144 4.23 -21.67 -17.92
CA ALA A 144 3.25 -20.83 -18.58
C ALA A 144 2.52 -21.68 -19.63
N LEU A 145 3.28 -22.39 -20.47
CA LEU A 145 2.68 -23.24 -21.50
C LEU A 145 1.77 -24.31 -20.91
N ALA A 146 2.20 -24.97 -19.84
CA ALA A 146 1.39 -26.01 -19.20
C ALA A 146 0.11 -25.42 -18.59
N HIS A 147 0.22 -24.20 -18.05
CA HIS A 147 -0.92 -23.54 -17.44
C HIS A 147 -1.91 -23.11 -18.50
N ASN A 148 -1.39 -22.60 -19.63
CA ASN A 148 -2.24 -22.15 -20.72
C ASN A 148 -3.03 -23.31 -21.33
N GLN A 149 -2.55 -24.53 -21.12
CA GLN A 149 -3.25 -25.69 -21.67
C GLN A 149 -4.20 -26.34 -20.67
N THR A 150 -3.80 -26.37 -19.41
CA THR A 150 -4.60 -27.05 -18.37
C THR A 150 -5.37 -26.15 -17.42
N GLY A 151 -4.96 -24.90 -17.33
CA GLY A 151 -5.62 -23.96 -16.43
C GLY A 151 -5.20 -24.14 -14.97
N ARG A 152 -4.40 -25.14 -14.65
CA ARG A 152 -3.96 -25.33 -13.25
C ARG A 152 -3.07 -24.16 -12.85
N PRO A 153 -3.23 -23.66 -11.60
CA PRO A 153 -2.43 -22.53 -11.15
C PRO A 153 -0.93 -22.80 -10.98
N ILE A 154 -0.17 -21.71 -10.92
CA ILE A 154 1.27 -21.75 -10.74
C ILE A 154 1.63 -21.21 -9.36
N SER A 155 2.48 -21.94 -8.64
CA SER A 155 2.93 -21.54 -7.30
C SER A 155 4.46 -21.50 -7.33
N THR A 156 5.02 -20.34 -7.00
CA THR A 156 6.46 -20.15 -7.08
C THR A 156 7.30 -20.17 -5.79
N HIS A 157 8.62 -20.15 -5.98
CA HIS A 157 9.63 -20.09 -4.91
C HIS A 157 10.48 -18.87 -5.20
N THR A 158 10.49 -17.89 -4.29
CA THR A 158 11.38 -16.76 -4.46
C THR A 158 12.48 -17.02 -3.42
N SER A 159 13.73 -16.86 -3.84
CA SER A 159 14.87 -17.07 -2.96
C SER A 159 15.08 -15.83 -2.11
N PHE A 160 14.83 -15.98 -0.81
CA PHE A 160 14.96 -14.86 0.12
C PHE A 160 14.15 -13.64 -0.30
N SER A 161 12.92 -13.92 -0.75
CA SER A 161 11.97 -12.91 -1.17
C SER A 161 12.42 -12.01 -2.32
N THR A 162 13.24 -12.55 -3.22
CA THR A 162 13.74 -11.76 -4.36
C THR A 162 13.15 -12.26 -5.69
N MET A 163 13.09 -11.35 -6.67
CA MET A 163 12.64 -11.64 -8.03
C MET A 163 11.16 -11.94 -8.28
N GLY A 164 10.31 -11.73 -7.27
CA GLY A 164 8.88 -11.98 -7.45
C GLY A 164 8.26 -11.18 -8.58
N LEU A 165 8.53 -9.89 -8.65
CA LEU A 165 7.97 -9.06 -9.72
C LEU A 165 8.45 -9.53 -11.10
N GLU A 166 9.72 -9.97 -11.16
CA GLU A 166 10.33 -10.48 -12.40
C GLU A 166 9.65 -11.78 -12.83
N GLN A 167 9.30 -12.62 -11.86
CA GLN A 167 8.62 -13.88 -12.16
C GLN A 167 7.25 -13.57 -12.77
N LEU A 168 6.55 -12.59 -12.20
CA LEU A 168 5.21 -12.22 -12.68
C LEU A 168 5.24 -11.63 -14.09
N ALA A 169 6.24 -10.77 -14.34
CA ALA A 169 6.42 -10.14 -15.64
C ALA A 169 6.69 -11.21 -16.72
N LEU A 170 7.52 -12.20 -16.37
CA LEU A 170 7.85 -13.30 -17.28
C LEU A 170 6.60 -14.14 -17.59
N LEU A 171 5.85 -14.50 -16.55
CA LEU A 171 4.66 -15.31 -16.73
C LEU A 171 3.57 -14.56 -17.52
N GLN A 172 3.38 -13.29 -17.23
CA GLN A 172 2.41 -12.47 -17.93
C GLN A 172 2.79 -12.27 -19.41
N ALA A 173 4.07 -12.09 -19.68
CA ALA A 173 4.54 -11.92 -21.06
C ALA A 173 4.23 -13.19 -21.85
N HIS A 174 4.09 -14.31 -21.16
CA HIS A 174 3.76 -15.57 -21.81
C HIS A 174 2.28 -15.97 -21.73
N GLY A 175 1.43 -14.95 -21.56
CA GLY A 175 -0.01 -15.18 -21.53
C GLY A 175 -0.71 -15.66 -20.28
N VAL A 176 0.00 -15.71 -19.15
CA VAL A 176 -0.61 -16.17 -17.91
C VAL A 176 -1.39 -15.06 -17.19
N ASP A 177 -2.63 -15.38 -16.81
CA ASP A 177 -3.50 -14.46 -16.05
C ASP A 177 -2.88 -14.50 -14.64
N LEU A 178 -2.30 -13.39 -14.20
CA LEU A 178 -1.62 -13.35 -12.90
C LEU A 178 -2.44 -13.71 -11.67
N SER A 179 -3.76 -13.72 -11.81
CA SER A 179 -4.63 -14.09 -10.69
C SER A 179 -4.56 -15.60 -10.48
N ARG A 180 -3.90 -16.28 -11.41
CA ARG A 180 -3.72 -17.74 -11.32
C ARG A 180 -2.30 -18.10 -10.86
N VAL A 181 -1.57 -17.10 -10.38
CA VAL A 181 -0.21 -17.26 -9.88
C VAL A 181 -0.13 -16.82 -8.39
N THR A 182 0.58 -17.59 -7.59
CA THR A 182 0.79 -17.25 -6.17
C THR A 182 2.31 -17.26 -5.94
N VAL A 183 2.83 -16.13 -5.44
CA VAL A 183 4.27 -15.96 -5.21
C VAL A 183 4.72 -16.44 -3.81
N GLY A 184 5.55 -17.48 -3.79
CA GLY A 184 6.02 -18.05 -2.54
C GLY A 184 7.16 -17.31 -1.86
N HIS A 185 7.23 -17.45 -0.53
CA HIS A 185 8.26 -16.83 0.30
C HIS A 185 8.42 -15.34 0.19
N CYS A 186 7.33 -14.59 0.32
CA CYS A 186 7.43 -13.14 0.25
C CYS A 186 7.74 -12.55 1.62
N ASP A 187 7.84 -13.43 2.62
CA ASP A 187 8.07 -13.03 4.01
C ASP A 187 9.43 -13.38 4.65
N LEU A 188 10.52 -13.15 3.93
CA LEU A 188 11.85 -13.42 4.46
C LEU A 188 12.68 -12.15 4.67
N LYS A 189 12.04 -11.00 4.49
CA LYS A 189 12.66 -9.69 4.67
C LYS A 189 11.55 -8.64 4.59
N ASP A 190 11.89 -7.39 4.95
CA ASP A 190 10.94 -6.27 4.87
C ASP A 190 10.73 -6.21 3.36
N ASN A 191 9.54 -6.61 2.94
CA ASN A 191 9.24 -6.71 1.51
C ASN A 191 7.90 -6.08 1.11
N LEU A 192 7.42 -5.11 1.88
CA LEU A 192 6.13 -4.48 1.60
C LEU A 192 5.98 -3.84 0.22
N ASP A 193 6.98 -3.07 -0.21
CA ASP A 193 6.90 -2.41 -1.51
C ASP A 193 6.64 -3.40 -2.62
N ASN A 194 7.48 -4.44 -2.70
CA ASN A 194 7.32 -5.46 -3.72
C ASN A 194 5.98 -6.17 -3.59
N ILE A 195 5.58 -6.51 -2.38
CA ILE A 195 4.32 -7.22 -2.16
C ILE A 195 3.12 -6.41 -2.67
N LEU A 196 3.11 -5.11 -2.39
CA LEU A 196 2.02 -4.24 -2.83
C LEU A 196 1.95 -4.20 -4.36
N LYS A 197 3.12 -4.18 -5.00
CA LYS A 197 3.20 -4.16 -6.45
C LYS A 197 2.71 -5.47 -7.03
N MET A 198 3.11 -6.59 -6.42
CA MET A 198 2.68 -7.89 -6.90
C MET A 198 1.17 -8.04 -6.81
N ILE A 199 0.59 -7.60 -5.69
CA ILE A 199 -0.84 -7.66 -5.51
C ILE A 199 -1.54 -6.73 -6.54
N ASP A 200 -0.92 -5.59 -6.81
CA ASP A 200 -1.46 -4.63 -7.76
C ASP A 200 -1.54 -5.23 -9.18
N LEU A 201 -0.59 -6.12 -9.50
CA LEU A 201 -0.58 -6.77 -10.82
C LEU A 201 -1.64 -7.88 -10.86
N GLY A 202 -2.21 -8.21 -9.71
CA GLY A 202 -3.24 -9.23 -9.64
C GLY A 202 -2.86 -10.60 -9.12
N ALA A 203 -1.62 -10.76 -8.69
CA ALA A 203 -1.15 -12.04 -8.17
C ALA A 203 -1.45 -12.21 -6.67
N TYR A 204 -1.37 -13.46 -6.20
CA TYR A 204 -1.54 -13.76 -4.77
C TYR A 204 -0.12 -13.85 -4.21
N VAL A 205 0.03 -13.53 -2.93
CA VAL A 205 1.33 -13.57 -2.25
C VAL A 205 1.24 -14.49 -1.03
N GLN A 206 2.37 -15.09 -0.67
CA GLN A 206 2.41 -16.00 0.46
C GLN A 206 3.41 -15.68 1.56
N PHE A 207 2.92 -15.76 2.80
CA PHE A 207 3.75 -15.59 3.99
C PHE A 207 3.78 -17.05 4.42
N ASP A 208 4.70 -17.80 3.81
CA ASP A 208 4.83 -19.24 4.04
C ASP A 208 6.09 -19.73 4.76
N THR A 209 6.84 -18.83 5.36
CA THR A 209 8.05 -19.21 6.10
C THR A 209 7.84 -18.90 7.60
N ILE A 210 6.57 -18.92 8.02
CA ILE A 210 6.20 -18.67 9.40
C ILE A 210 6.93 -19.64 10.32
N GLY A 211 7.59 -19.10 11.35
CA GLY A 211 8.34 -19.93 12.28
C GLY A 211 9.83 -19.98 12.01
N LYS A 212 10.25 -19.55 10.82
CA LYS A 212 11.66 -19.54 10.45
C LYS A 212 12.27 -18.20 10.86
N ASN A 213 12.25 -17.99 12.18
CA ASN A 213 12.71 -16.77 12.81
C ASN A 213 14.21 -16.45 12.75
N SER A 214 15.02 -17.43 12.37
CA SER A 214 16.45 -17.20 12.24
C SER A 214 16.73 -16.54 10.89
N TYR A 215 15.72 -16.56 10.01
CA TYR A 215 15.83 -15.93 8.69
C TYR A 215 15.19 -14.55 8.78
N TYR A 216 14.02 -14.51 9.40
CA TYR A 216 13.23 -13.28 9.55
C TYR A 216 12.26 -13.53 10.71
N PRO A 217 12.05 -12.52 11.57
CA PRO A 217 11.14 -12.71 12.71
C PRO A 217 9.62 -12.67 12.45
N ASP A 218 8.90 -13.57 13.09
CA ASP A 218 7.44 -13.66 12.99
C ASP A 218 6.78 -12.31 13.35
N GLU A 219 7.41 -11.58 14.27
CA GLU A 219 6.89 -10.27 14.68
C GLU A 219 6.82 -9.33 13.46
N LYS A 220 7.81 -9.44 12.58
CA LYS A 220 7.85 -8.61 11.39
C LYS A 220 6.88 -9.13 10.31
N ARG A 221 6.64 -10.44 10.30
CA ARG A 221 5.67 -11.02 9.36
C ARG A 221 4.29 -10.48 9.78
N ILE A 222 4.06 -10.46 11.10
CA ILE A 222 2.79 -9.95 11.63
C ILE A 222 2.60 -8.48 11.26
N ALA A 223 3.67 -7.67 11.36
CA ALA A 223 3.61 -6.25 11.02
C ALA A 223 3.24 -6.09 9.53
N MET A 224 3.81 -6.94 8.66
CA MET A 224 3.49 -6.87 7.23
C MET A 224 2.05 -7.29 6.99
N LEU A 225 1.58 -8.30 7.70
CA LEU A 225 0.19 -8.72 7.52
C LEU A 225 -0.76 -7.57 7.90
N HIS A 226 -0.40 -6.81 8.95
CA HIS A 226 -1.22 -5.68 9.35
C HIS A 226 -1.27 -4.60 8.27
N ALA A 227 -0.16 -4.39 7.58
CA ALA A 227 -0.09 -3.39 6.50
C ALA A 227 -1.08 -3.79 5.40
N LEU A 228 -1.16 -5.09 5.13
CA LEU A 228 -2.07 -5.61 4.10
C LEU A 228 -3.52 -5.51 4.56
N ARG A 229 -3.77 -5.85 5.82
CA ARG A 229 -5.11 -5.75 6.38
C ARG A 229 -5.59 -4.29 6.37
N ASP A 230 -4.69 -3.36 6.72
CA ASP A 230 -5.02 -1.93 6.76
C ASP A 230 -5.40 -1.38 5.39
N ARG A 231 -4.90 -2.01 4.34
CA ARG A 231 -5.17 -1.57 2.98
C ARG A 231 -6.26 -2.40 2.29
N GLY A 232 -6.90 -3.27 3.07
CA GLY A 232 -7.96 -4.13 2.56
C GLY A 232 -7.49 -5.13 1.53
N LEU A 233 -6.25 -5.60 1.69
CA LEU A 233 -5.63 -6.55 0.74
C LEU A 233 -5.54 -8.02 1.19
N LEU A 234 -6.19 -8.37 2.30
CA LEU A 234 -6.15 -9.75 2.78
C LEU A 234 -6.68 -10.82 1.83
N ASN A 235 -7.53 -10.43 0.87
CA ASN A 235 -8.05 -11.42 -0.07
C ASN A 235 -7.01 -11.90 -1.10
N ARG A 236 -5.77 -11.43 -0.97
CA ARG A 236 -4.68 -11.86 -1.87
C ARG A 236 -3.51 -12.51 -1.14
N VAL A 237 -3.69 -12.73 0.17
CA VAL A 237 -2.65 -13.33 1.02
C VAL A 237 -2.98 -14.74 1.51
N MET A 238 -2.01 -15.63 1.37
CA MET A 238 -2.14 -17.00 1.86
C MET A 238 -0.97 -17.30 2.80
N LEU A 239 -1.14 -18.32 3.64
CA LEU A 239 -0.15 -18.64 4.68
C LEU A 239 0.30 -20.09 4.74
N SER A 240 1.50 -20.30 5.31
CA SER A 240 2.07 -21.63 5.51
C SER A 240 3.38 -21.61 6.33
N MET A 241 3.92 -22.80 6.58
CA MET A 241 5.16 -22.99 7.36
C MET A 241 6.36 -23.41 6.49
N ASP A 242 6.06 -24.01 5.34
CA ASP A 242 7.08 -24.54 4.44
C ASP A 242 8.02 -25.50 5.18
N ILE A 243 7.43 -26.49 5.88
CA ILE A 243 8.21 -27.50 6.61
C ILE A 243 9.03 -28.28 5.57
N THR A 244 10.32 -28.45 5.84
CA THR A 244 11.24 -29.12 4.93
C THR A 244 12.23 -30.10 5.58
N ARG A 245 12.35 -30.04 6.91
CA ARG A 245 13.31 -30.89 7.63
C ARG A 245 12.73 -31.74 8.74
N ARG A 246 13.39 -32.85 9.04
CA ARG A 246 12.96 -33.74 10.12
C ARG A 246 12.99 -32.95 11.45
N SER A 247 13.98 -32.07 11.60
CA SER A 247 14.13 -31.26 12.81
C SER A 247 13.00 -30.26 13.03
N HIS A 248 12.15 -30.09 12.01
CA HIS A 248 10.99 -29.19 12.11
C HIS A 248 9.81 -29.91 12.76
N LEU A 249 9.82 -31.24 12.71
CA LEU A 249 8.77 -32.07 13.28
C LEU A 249 8.80 -32.06 14.82
N LYS A 250 7.63 -32.07 15.44
CA LYS A 250 7.53 -32.04 16.90
C LYS A 250 8.23 -33.23 17.56
N ALA A 251 8.08 -34.42 16.99
CA ALA A 251 8.71 -35.65 17.52
C ALA A 251 10.24 -35.53 17.59
N ASN A 252 10.81 -34.64 16.79
CA ASN A 252 12.26 -34.42 16.75
C ASN A 252 12.66 -33.12 17.45
N GLY A 253 11.79 -32.61 18.32
CA GLY A 253 12.07 -31.38 19.05
C GLY A 253 11.79 -30.11 18.30
N GLY A 254 11.04 -30.22 17.20
CA GLY A 254 10.70 -29.06 16.40
C GLY A 254 9.36 -28.42 16.76
N TYR A 255 8.88 -27.55 15.88
CA TYR A 255 7.63 -26.84 16.09
C TYR A 255 6.39 -27.42 15.41
N GLY A 256 6.61 -28.21 14.36
CA GLY A 256 5.50 -28.83 13.64
C GLY A 256 4.67 -27.91 12.73
N TYR A 257 3.86 -28.54 11.88
CA TYR A 257 2.97 -27.81 10.96
C TYR A 257 1.92 -26.98 11.69
N ASP A 258 1.35 -27.54 12.75
CA ASP A 258 0.31 -26.84 13.52
C ASP A 258 0.78 -25.65 14.34
N TYR A 259 2.07 -25.33 14.26
CA TYR A 259 2.62 -24.16 14.95
C TYR A 259 1.87 -22.93 14.44
N LEU A 260 1.44 -22.99 13.17
CA LEU A 260 0.70 -21.90 12.56
C LEU A 260 -0.56 -21.59 13.37
N LEU A 261 -1.23 -22.64 13.82
CA LEU A 261 -2.48 -22.49 14.57
C LEU A 261 -2.34 -22.43 16.09
N THR A 262 -1.33 -23.12 16.63
CA THR A 262 -1.13 -23.13 18.08
C THR A 262 -0.35 -21.92 18.55
N THR A 263 0.43 -21.32 17.66
CA THR A 263 1.25 -20.17 18.03
C THR A 263 1.16 -18.89 17.18
N PHE A 264 1.37 -19.00 15.87
CA PHE A 264 1.36 -17.81 15.03
C PHE A 264 0.01 -17.09 14.92
N ILE A 265 -1.05 -17.82 14.57
CA ILE A 265 -2.38 -17.20 14.45
C ILE A 265 -2.82 -16.61 15.80
N PRO A 266 -2.57 -17.30 16.93
CA PRO A 266 -2.99 -16.70 18.21
C PRO A 266 -2.29 -15.35 18.43
N GLN A 267 -1.01 -15.24 18.04
CA GLN A 267 -0.28 -13.96 18.18
C GLN A 267 -0.85 -12.91 17.25
N LEU A 268 -1.29 -13.36 16.07
CA LEU A 268 -1.88 -12.47 15.07
C LEU A 268 -3.21 -11.94 15.62
N ARG A 269 -4.04 -12.82 16.16
CA ARG A 269 -5.31 -12.39 16.74
C ARG A 269 -5.07 -11.44 17.92
N GLN A 270 -4.04 -11.73 18.71
CA GLN A 270 -3.71 -10.89 19.86
C GLN A 270 -3.30 -9.49 19.41
N SER A 271 -2.64 -9.39 18.27
CA SER A 271 -2.23 -8.09 17.75
C SER A 271 -3.38 -7.32 17.12
N GLY A 272 -4.56 -7.95 17.02
CA GLY A 272 -5.70 -7.24 16.44
C GLY A 272 -6.54 -7.85 15.34
N PHE A 273 -6.09 -8.95 14.73
CA PHE A 273 -6.84 -9.58 13.64
C PHE A 273 -8.07 -10.32 14.15
N SER A 274 -9.20 -10.13 13.46
CA SER A 274 -10.44 -10.82 13.82
C SER A 274 -10.33 -12.23 13.27
N GLN A 275 -11.18 -13.13 13.75
CA GLN A 275 -11.15 -14.50 13.26
C GLN A 275 -11.59 -14.55 11.79
N ALA A 276 -12.42 -13.58 11.38
CA ALA A 276 -12.89 -13.49 9.99
C ALA A 276 -11.70 -13.14 9.10
N ASP A 277 -10.86 -12.21 9.57
CA ASP A 277 -9.64 -11.80 8.83
C ASP A 277 -8.78 -13.06 8.62
N VAL A 278 -8.61 -13.84 9.68
CA VAL A 278 -7.83 -15.07 9.63
C VAL A 278 -8.43 -16.05 8.63
N ASP A 279 -9.75 -16.23 8.69
CA ASP A 279 -10.44 -17.17 7.79
C ASP A 279 -10.36 -16.79 6.31
N VAL A 280 -10.18 -15.51 6.02
CA VAL A 280 -10.05 -15.06 4.64
C VAL A 280 -8.75 -15.67 4.08
N MET A 281 -7.67 -15.57 4.86
CA MET A 281 -6.38 -16.10 4.41
C MET A 281 -6.29 -17.62 4.43
N LEU A 282 -6.80 -18.24 5.50
CA LEU A 282 -6.74 -19.70 5.64
C LEU A 282 -7.80 -20.56 4.96
N ARG A 283 -8.99 -20.01 4.74
CA ARG A 283 -10.06 -20.78 4.11
C ARG A 283 -10.58 -20.21 2.80
N GLU A 284 -10.98 -18.94 2.82
CA GLU A 284 -11.55 -18.32 1.62
C GLU A 284 -10.59 -18.29 0.44
N ASN A 285 -9.45 -17.64 0.64
CA ASN A 285 -8.45 -17.52 -0.41
C ASN A 285 -8.05 -18.85 -1.07
N PRO A 286 -7.66 -19.86 -0.29
CA PRO A 286 -7.27 -21.15 -0.88
C PRO A 286 -8.41 -21.82 -1.67
N SER A 287 -9.62 -21.76 -1.12
CA SER A 287 -10.78 -22.34 -1.78
C SER A 287 -11.01 -21.68 -3.15
N GLN A 288 -10.76 -20.39 -3.24
CA GLN A 288 -10.93 -19.64 -4.49
C GLN A 288 -9.76 -19.86 -5.45
N PHE A 289 -8.56 -20.02 -4.90
CA PHE A 289 -7.36 -20.17 -5.72
C PHE A 289 -6.98 -21.56 -6.20
N PHE A 290 -6.96 -22.52 -5.28
CA PHE A 290 -6.57 -23.89 -5.59
C PHE A 290 -7.57 -24.78 -6.30
N GLN A 291 -8.81 -24.33 -6.38
CA GLN A 291 -9.83 -25.11 -7.06
C GLN A 291 -9.98 -24.76 -8.53
N SER B 1 10.32 35.19 2.62
CA SER B 1 11.11 33.93 2.59
C SER B 1 10.59 32.92 3.62
N PHE B 2 10.58 31.64 3.23
CA PHE B 2 10.12 30.55 4.09
C PHE B 2 11.06 30.44 5.30
N ASP B 3 10.48 30.19 6.48
CA ASP B 3 11.26 30.02 7.70
C ASP B 3 11.11 28.59 8.21
N PRO B 4 12.15 27.76 7.99
CA PRO B 4 12.19 26.35 8.37
C PRO B 4 12.29 26.10 9.88
N THR B 5 12.61 27.14 10.65
CA THR B 5 12.73 27.00 12.10
C THR B 5 11.38 27.06 12.83
N GLY B 6 10.36 27.61 12.17
CA GLY B 6 9.05 27.70 12.81
C GLY B 6 8.05 26.71 12.25
N TYR B 7 6.83 26.74 12.78
CA TYR B 7 5.76 25.84 12.33
C TYR B 7 5.13 26.35 11.04
N THR B 8 4.45 25.44 10.34
CA THR B 8 3.78 25.75 9.08
C THR B 8 2.38 25.15 9.04
N LEU B 9 1.37 25.98 8.72
CA LEU B 9 0.00 25.52 8.56
C LEU B 9 -0.08 25.25 7.04
N ALA B 10 -0.20 23.97 6.70
CA ALA B 10 -0.20 23.50 5.31
C ALA B 10 -1.34 23.90 4.38
N HIS B 11 -2.48 24.32 4.94
CA HIS B 11 -3.65 24.65 4.12
C HIS B 11 -4.59 25.65 4.80
N GLU B 12 -4.45 26.93 4.44
CA GLU B 12 -5.26 27.99 5.01
C GLU B 12 -5.68 29.01 3.96
N HIS B 13 -6.61 29.87 4.35
CA HIS B 13 -7.07 30.96 3.50
C HIS B 13 -6.99 32.21 4.33
N LEU B 14 -6.26 33.22 3.85
CA LEU B 14 -6.14 34.50 4.52
C LEU B 14 -7.08 35.50 3.84
N HIS B 15 -7.33 35.28 2.54
CA HIS B 15 -8.24 36.14 1.78
C HIS B 15 -8.88 35.31 0.67
N ILE B 16 -10.15 34.96 0.88
CA ILE B 16 -10.90 34.18 -0.07
C ILE B 16 -12.30 34.79 -0.16
N ASP B 17 -12.87 34.83 -1.35
CA ASP B 17 -14.20 35.39 -1.50
C ASP B 17 -15.06 34.50 -2.38
N LEU B 18 -15.80 33.61 -1.75
CA LEU B 18 -16.73 32.72 -2.46
C LEU B 18 -18.17 33.20 -2.22
N SER B 19 -18.33 34.45 -1.77
CA SER B 19 -19.64 35.00 -1.46
C SER B 19 -20.55 35.22 -2.67
N GLY B 20 -19.94 35.38 -3.85
CA GLY B 20 -20.71 35.57 -5.06
C GLY B 20 -21.39 34.27 -5.46
N PHE B 21 -20.68 33.16 -5.30
CA PHE B 21 -21.19 31.83 -5.62
C PHE B 21 -22.25 31.39 -4.62
N LYS B 22 -22.08 31.83 -3.38
CA LYS B 22 -22.97 31.45 -2.28
C LYS B 22 -24.06 32.44 -1.86
N ASN B 23 -23.79 33.72 -2.05
CA ASN B 23 -24.67 34.82 -1.65
C ASN B 23 -24.59 35.00 -0.13
N ASN B 24 -23.49 34.54 0.44
CA ASN B 24 -23.26 34.59 1.89
C ASN B 24 -21.99 35.35 2.19
N VAL B 25 -22.13 36.48 2.89
CA VAL B 25 -20.98 37.31 3.26
C VAL B 25 -20.01 36.60 4.23
N ASP B 26 -20.46 35.49 4.83
CA ASP B 26 -19.63 34.72 5.76
C ASP B 26 -18.47 34.13 4.96
N CYS B 27 -18.73 33.87 3.67
CA CYS B 27 -17.73 33.31 2.76
C CYS B 27 -16.77 34.33 2.16
N ARG B 28 -16.90 35.60 2.57
CA ARG B 28 -16.01 36.66 2.11
C ARG B 28 -15.01 36.94 3.23
N LEU B 29 -14.00 36.07 3.35
CA LEU B 29 -12.97 36.22 4.37
C LEU B 29 -11.96 37.28 3.91
N ASP B 30 -12.18 38.52 4.34
CA ASP B 30 -11.33 39.66 3.96
C ASP B 30 -11.19 40.71 5.07
N GLN B 31 -11.51 40.33 6.30
CA GLN B 31 -11.41 41.25 7.43
C GLN B 31 -9.97 41.38 7.88
N TYR B 32 -9.27 42.32 7.26
CA TYR B 32 -7.86 42.61 7.51
C TYR B 32 -7.38 42.67 8.96
N ALA B 33 -7.97 43.54 9.76
CA ALA B 33 -7.57 43.70 11.16
C ALA B 33 -7.62 42.37 11.92
N PHE B 34 -8.74 41.67 11.81
CA PHE B 34 -8.94 40.39 12.47
C PHE B 34 -7.92 39.35 12.01
N ILE B 35 -7.67 39.29 10.70
CA ILE B 35 -6.73 38.30 10.19
C ILE B 35 -5.28 38.58 10.62
N CYS B 36 -4.92 39.85 10.74
CA CYS B 36 -3.58 40.24 11.19
C CYS B 36 -3.43 39.81 12.65
N GLN B 37 -4.44 40.08 13.47
CA GLN B 37 -4.41 39.70 14.88
C GLN B 37 -4.29 38.18 15.00
N GLU B 38 -4.97 37.46 14.10
CA GLU B 38 -4.92 35.99 14.12
C GLU B 38 -3.50 35.50 13.78
N MET B 39 -2.85 36.16 12.83
CA MET B 39 -1.48 35.78 12.44
C MET B 39 -0.54 36.06 13.59
N ASN B 40 -0.75 37.18 14.27
CA ASN B 40 0.07 37.53 15.43
C ASN B 40 -0.11 36.43 16.50
N ASP B 41 -1.33 35.92 16.68
CA ASP B 41 -1.57 34.84 17.65
C ASP B 41 -0.80 33.58 17.27
N LEU B 42 -0.82 33.24 15.98
CA LEU B 42 -0.10 32.08 15.48
C LEU B 42 1.41 32.15 15.76
N MET B 43 1.96 33.36 15.62
CA MET B 43 3.39 33.56 15.81
C MET B 43 3.87 33.39 17.24
N THR B 44 2.98 33.63 18.21
CA THR B 44 3.35 33.46 19.61
C THR B 44 3.41 31.98 19.93
N ARG B 45 2.74 31.17 19.11
CA ARG B 45 2.72 29.72 19.28
C ARG B 45 3.76 29.02 18.41
N GLY B 46 4.67 29.80 17.84
CA GLY B 46 5.73 29.24 17.02
C GLY B 46 5.52 29.16 15.52
N VAL B 47 4.33 29.46 15.04
CA VAL B 47 4.06 29.40 13.60
C VAL B 47 4.76 30.51 12.85
N ARG B 48 5.48 30.14 11.79
CA ARG B 48 6.19 31.11 10.99
C ARG B 48 5.72 31.16 9.53
N ASN B 49 5.07 30.11 9.05
CA ASN B 49 4.59 30.06 7.66
C ASN B 49 3.15 29.61 7.54
N VAL B 50 2.47 30.11 6.51
CA VAL B 50 1.09 29.74 6.21
C VAL B 50 1.00 29.54 4.70
N ILE B 51 0.59 28.36 4.26
CA ILE B 51 0.45 28.09 2.82
C ILE B 51 -1.00 28.40 2.43
N GLU B 52 -1.15 29.55 1.79
CA GLU B 52 -2.44 30.08 1.36
C GLU B 52 -2.93 29.38 0.08
N MET B 53 -4.14 28.82 0.17
CA MET B 53 -4.77 28.03 -0.87
C MET B 53 -5.78 28.69 -1.80
N THR B 54 -5.88 30.01 -1.75
CA THR B 54 -6.84 30.75 -2.58
C THR B 54 -6.26 31.13 -3.93
N ASN B 55 -6.65 30.42 -4.99
CA ASN B 55 -6.17 30.77 -6.33
C ASN B 55 -7.02 31.93 -6.89
N ARG B 56 -6.66 32.42 -8.08
CA ARG B 56 -7.35 33.58 -8.65
C ARG B 56 -8.86 33.70 -8.54
N TYR B 57 -9.57 32.75 -9.15
CA TYR B 57 -11.03 32.79 -9.18
C TYR B 57 -11.76 32.31 -7.93
N MET B 58 -11.02 32.22 -6.83
CA MET B 58 -11.58 31.87 -5.53
C MET B 58 -11.59 33.18 -4.73
N GLY B 59 -11.10 34.24 -5.36
CA GLY B 59 -11.06 35.55 -4.71
C GLY B 59 -9.73 35.84 -4.06
N ARG B 60 -8.64 35.45 -4.71
CA ARG B 60 -7.30 35.72 -4.16
C ARG B 60 -6.99 37.22 -4.21
N ASN B 61 -6.21 37.68 -3.24
CA ASN B 61 -5.80 39.07 -3.17
C ASN B 61 -4.34 39.10 -2.69
N ALA B 62 -3.43 39.28 -3.64
CA ALA B 62 -2.01 39.31 -3.36
C ALA B 62 -1.62 40.47 -2.45
N GLN B 63 -2.15 41.65 -2.74
CA GLN B 63 -1.82 42.85 -1.95
C GLN B 63 -2.18 42.68 -0.48
N PHE B 64 -3.34 42.06 -0.24
CA PHE B 64 -3.82 41.81 1.12
C PHE B 64 -2.81 40.89 1.82
N MET B 65 -2.37 39.83 1.13
CA MET B 65 -1.41 38.89 1.70
C MET B 65 -0.07 39.54 1.97
N LEU B 66 0.39 40.40 1.05
CA LEU B 66 1.66 41.12 1.21
C LEU B 66 1.59 42.02 2.44
N ASP B 67 0.47 42.72 2.58
CA ASP B 67 0.20 43.63 3.69
C ASP B 67 0.22 42.90 5.04
N VAL B 68 -0.43 41.74 5.10
CA VAL B 68 -0.47 40.93 6.32
C VAL B 68 0.96 40.53 6.72
N MET B 69 1.77 40.16 5.72
CA MET B 69 3.17 39.78 5.96
C MET B 69 3.97 40.96 6.50
N ARG B 70 3.73 42.14 5.94
CA ARG B 70 4.43 43.33 6.37
C ARG B 70 4.05 43.75 7.79
N GLU B 71 2.77 43.57 8.11
CA GLU B 71 2.24 43.93 9.42
C GLU B 71 2.58 42.97 10.56
N THR B 72 2.55 41.68 10.28
CA THR B 72 2.78 40.67 11.30
C THR B 72 4.10 39.91 11.29
N GLY B 73 4.82 39.98 10.16
CA GLY B 73 6.09 39.28 10.04
C GLY B 73 5.94 37.81 9.67
N ILE B 74 4.70 37.34 9.51
CA ILE B 74 4.49 35.95 9.15
C ILE B 74 4.73 35.78 7.65
N ASN B 75 5.13 34.57 7.25
CA ASN B 75 5.41 34.29 5.84
C ASN B 75 4.23 33.57 5.19
N VAL B 76 3.75 34.13 4.09
CA VAL B 76 2.63 33.56 3.36
C VAL B 76 3.07 33.05 1.99
N VAL B 77 2.85 31.78 1.73
CA VAL B 77 3.18 31.19 0.43
C VAL B 77 1.86 31.18 -0.37
N ALA B 78 1.80 32.00 -1.42
CA ALA B 78 0.63 32.13 -2.29
C ALA B 78 0.58 31.02 -3.34
N CYS B 79 -0.60 30.81 -3.92
CA CYS B 79 -0.79 29.76 -4.91
C CYS B 79 -1.33 30.20 -6.27
N THR B 80 -1.34 29.25 -7.19
CA THR B 80 -1.85 29.45 -8.54
C THR B 80 -2.64 28.19 -8.91
N GLY B 81 -3.74 28.36 -9.65
CA GLY B 81 -4.52 27.19 -10.03
C GLY B 81 -6.01 27.45 -10.24
N TYR B 82 -6.77 26.38 -10.31
CA TYR B 82 -8.23 26.43 -10.47
C TYR B 82 -8.83 25.48 -9.46
N TYR B 83 -9.93 25.92 -8.85
CA TYR B 83 -10.61 25.20 -7.78
C TYR B 83 -11.29 23.87 -8.10
N GLN B 84 -12.60 23.90 -8.38
CA GLN B 84 -13.34 22.68 -8.71
C GLN B 84 -14.45 23.00 -9.70
N ASP B 85 -15.00 21.96 -10.31
CA ASP B 85 -16.03 22.13 -11.33
C ASP B 85 -17.11 23.18 -11.10
N ALA B 86 -17.83 23.08 -9.99
CA ALA B 86 -18.90 24.02 -9.68
C ALA B 86 -18.46 25.49 -9.60
N PHE B 87 -17.17 25.73 -9.34
CA PHE B 87 -16.63 27.08 -9.19
C PHE B 87 -15.78 27.63 -10.36
N PHE B 88 -15.53 26.81 -11.37
CA PHE B 88 -14.72 27.22 -12.52
C PHE B 88 -15.32 28.31 -13.38
N PRO B 89 -14.53 29.34 -13.76
CA PRO B 89 -15.07 30.38 -14.64
C PRO B 89 -15.23 29.70 -16.01
N GLU B 90 -16.03 30.28 -16.90
CA GLU B 90 -16.26 29.66 -18.22
C GLU B 90 -15.04 29.33 -19.04
N HIS B 91 -14.02 30.19 -18.99
CA HIS B 91 -12.81 29.98 -19.77
C HIS B 91 -12.00 28.72 -19.47
N VAL B 92 -12.31 28.02 -18.37
CA VAL B 92 -11.57 26.77 -18.11
C VAL B 92 -11.95 25.79 -19.23
N ALA B 93 -13.17 25.94 -19.76
CA ALA B 93 -13.68 25.06 -20.82
C ALA B 93 -13.24 25.49 -22.22
N THR B 94 -13.17 26.81 -22.45
CA THR B 94 -12.81 27.34 -23.76
C THR B 94 -11.31 27.48 -24.01
N ARG B 95 -10.52 27.55 -22.94
CA ARG B 95 -9.06 27.65 -23.11
C ARG B 95 -8.48 26.25 -23.22
N SER B 96 -7.36 26.14 -23.90
CA SER B 96 -6.70 24.83 -24.08
C SER B 96 -5.94 24.53 -22.79
N VAL B 97 -5.61 23.25 -22.59
CA VAL B 97 -4.88 22.82 -21.41
C VAL B 97 -3.51 23.51 -21.34
N GLN B 98 -2.92 23.81 -22.50
CA GLN B 98 -1.63 24.49 -22.56
C GLN B 98 -1.74 25.94 -22.07
N GLU B 99 -2.84 26.61 -22.44
CA GLU B 99 -3.04 28.00 -22.02
C GLU B 99 -3.19 28.09 -20.49
N LEU B 100 -3.88 27.12 -19.91
CA LEU B 100 -4.09 27.08 -18.46
C LEU B 100 -2.75 26.87 -17.74
N ALA B 101 -1.94 25.96 -18.28
CA ALA B 101 -0.61 25.68 -17.75
C ALA B 101 0.28 26.93 -17.85
N GLN B 102 0.24 27.59 -19.00
CA GLN B 102 1.04 28.81 -19.19
C GLN B 102 0.67 29.86 -18.13
N GLU B 103 -0.62 29.99 -17.84
CA GLU B 103 -1.10 30.94 -16.85
C GLU B 103 -0.46 30.64 -15.48
N MET B 104 -0.49 29.38 -15.09
CA MET B 104 0.09 28.95 -13.82
C MET B 104 1.62 29.17 -13.76
N VAL B 105 2.31 28.83 -14.85
CA VAL B 105 3.76 29.02 -14.91
C VAL B 105 4.07 30.51 -14.76
N ASP B 106 3.28 31.38 -15.37
CA ASP B 106 3.54 32.81 -15.26
C ASP B 106 3.22 33.38 -13.85
N GLU B 107 2.20 32.83 -13.20
CA GLU B 107 1.86 33.29 -11.86
C GLU B 107 2.99 32.93 -10.90
N ILE B 108 3.68 31.83 -11.19
CA ILE B 108 4.82 31.34 -10.40
C ILE B 108 6.11 32.13 -10.70
N GLU B 109 6.35 32.42 -11.97
CA GLU B 109 7.56 33.13 -12.41
C GLU B 109 7.50 34.65 -12.44
N GLN B 110 6.39 35.20 -12.90
CA GLN B 110 6.24 36.64 -13.03
C GLN B 110 5.56 37.36 -11.85
N GLY B 111 4.45 36.81 -11.37
CA GLY B 111 3.75 37.44 -10.27
C GLY B 111 2.25 37.25 -10.35
N ILE B 112 1.57 37.64 -9.28
CA ILE B 112 0.11 37.51 -9.21
C ILE B 112 -0.57 38.83 -8.84
N ASP B 113 -1.77 39.03 -9.37
CA ASP B 113 -2.61 40.19 -9.09
C ASP B 113 -1.96 41.56 -9.24
N GLY B 114 -1.05 41.66 -10.20
CA GLY B 114 -0.35 42.91 -10.46
C GLY B 114 0.71 43.30 -9.45
N THR B 115 1.08 42.38 -8.57
CA THR B 115 2.08 42.63 -7.53
C THR B 115 3.40 41.90 -7.77
N GLU B 116 4.32 42.07 -6.82
CA GLU B 116 5.63 41.45 -6.87
C GLU B 116 5.58 40.02 -6.28
N LEU B 117 4.50 39.73 -5.57
CA LEU B 117 4.33 38.42 -4.97
C LEU B 117 4.14 37.38 -6.08
N LYS B 118 4.79 36.23 -5.94
CA LYS B 118 4.69 35.13 -6.90
C LYS B 118 4.08 33.90 -6.24
N ALA B 119 3.42 33.04 -7.01
CA ALA B 119 2.85 31.83 -6.46
C ALA B 119 3.98 30.84 -6.21
N GLY B 120 4.02 30.26 -5.00
CA GLY B 120 5.06 29.31 -4.68
C GLY B 120 4.55 27.87 -4.75
N ILE B 121 3.26 27.72 -5.02
CA ILE B 121 2.65 26.40 -5.10
C ILE B 121 1.42 26.36 -6.04
N ILE B 122 1.22 25.23 -6.70
CA ILE B 122 0.09 25.04 -7.61
C ILE B 122 -0.99 24.46 -6.70
N ALA B 123 -2.02 25.26 -6.46
CA ALA B 123 -3.01 24.81 -5.48
C ALA B 123 -4.25 25.66 -5.39
N GLU B 124 -5.31 25.56 -4.58
CA GLU B 124 -5.79 24.30 -4.22
C GLU B 124 -6.50 23.68 -5.43
N ILE B 125 -5.92 22.66 -6.06
CA ILE B 125 -6.57 22.09 -7.23
C ILE B 125 -7.45 20.93 -6.78
N GLY B 126 -8.76 21.07 -7.01
CA GLY B 126 -9.65 20.04 -6.53
C GLY B 126 -10.53 19.29 -7.50
N THR B 127 -11.12 18.24 -6.95
CA THR B 127 -12.05 17.38 -7.66
C THR B 127 -13.38 17.40 -6.90
N SER B 128 -14.45 16.95 -7.55
CA SER B 128 -15.79 16.92 -6.96
C SER B 128 -15.96 15.71 -6.05
N GLU B 129 -17.10 15.65 -5.36
CA GLU B 129 -17.36 14.54 -4.48
C GLU B 129 -17.65 13.27 -5.27
N GLY B 130 -16.82 12.25 -5.06
CA GLY B 130 -17.03 10.98 -5.73
C GLY B 130 -16.67 10.94 -7.21
N LYS B 131 -16.14 12.03 -7.75
CA LYS B 131 -15.78 12.05 -9.16
C LYS B 131 -14.84 13.16 -9.59
N ILE B 132 -14.14 12.92 -10.69
CA ILE B 132 -13.24 13.88 -11.30
C ILE B 132 -13.94 14.23 -12.62
N THR B 133 -14.47 15.46 -12.71
CA THR B 133 -15.17 15.89 -13.91
C THR B 133 -14.17 16.09 -15.06
N PRO B 134 -14.66 16.18 -16.31
CA PRO B 134 -13.74 16.38 -17.43
C PRO B 134 -12.97 17.71 -17.30
N LEU B 135 -13.61 18.71 -16.70
CA LEU B 135 -12.94 20.00 -16.52
C LEU B 135 -11.88 19.95 -15.42
N GLU B 136 -12.15 19.20 -14.35
CA GLU B 136 -11.18 19.05 -13.27
C GLU B 136 -9.97 18.26 -13.81
N GLU B 137 -10.24 17.21 -14.61
CA GLU B 137 -9.16 16.43 -15.21
C GLU B 137 -8.23 17.33 -16.02
N LYS B 138 -8.81 18.25 -16.78
CA LYS B 138 -8.07 19.19 -17.61
C LYS B 138 -7.21 20.13 -16.75
N VAL B 139 -7.78 20.61 -15.64
CA VAL B 139 -7.05 21.49 -14.75
C VAL B 139 -5.86 20.74 -14.09
N PHE B 140 -6.08 19.46 -13.75
CA PHE B 140 -5.03 18.62 -13.15
C PHE B 140 -3.89 18.38 -14.14
N ILE B 141 -4.23 18.11 -15.40
CA ILE B 141 -3.20 17.91 -16.43
C ILE B 141 -2.39 19.20 -16.61
N ALA B 142 -3.07 20.34 -16.61
CA ALA B 142 -2.43 21.65 -16.74
C ALA B 142 -1.49 21.86 -15.56
N ALA B 143 -1.92 21.43 -14.37
CA ALA B 143 -1.11 21.55 -13.16
C ALA B 143 0.13 20.68 -13.29
N ALA B 144 -0.05 19.46 -13.82
CA ALA B 144 1.02 18.52 -14.04
C ALA B 144 2.03 19.13 -15.01
N LEU B 145 1.55 19.81 -16.06
CA LEU B 145 2.44 20.44 -17.03
C LEU B 145 3.19 21.63 -16.41
N ALA B 146 2.49 22.41 -15.59
CA ALA B 146 3.10 23.57 -14.93
C ALA B 146 4.17 23.11 -13.94
N HIS B 147 3.91 21.98 -13.28
CA HIS B 147 4.85 21.42 -12.31
C HIS B 147 6.08 20.86 -13.02
N ASN B 148 5.85 20.13 -14.11
CA ASN B 148 6.96 19.55 -14.87
C ASN B 148 7.92 20.61 -15.37
N GLN B 149 7.43 21.84 -15.58
CA GLN B 149 8.27 22.93 -16.04
C GLN B 149 8.95 23.74 -14.93
N THR B 150 8.22 23.99 -13.85
CA THR B 150 8.73 24.81 -12.76
C THR B 150 9.24 24.10 -11.52
N GLY B 151 8.83 22.86 -11.34
CA GLY B 151 9.24 22.09 -10.17
C GLY B 151 8.44 22.43 -8.91
N ARG B 152 7.60 23.47 -8.94
CA ARG B 152 6.81 23.84 -7.75
C ARG B 152 5.82 22.73 -7.40
N PRO B 153 5.63 22.46 -6.09
CA PRO B 153 4.69 21.39 -5.69
C PRO B 153 3.21 21.65 -5.96
N ILE B 154 2.44 20.58 -5.89
CA ILE B 154 1.00 20.61 -6.11
C ILE B 154 0.29 20.24 -4.80
N SER B 155 -0.71 21.03 -4.43
CA SER B 155 -1.50 20.78 -3.23
C SER B 155 -2.96 20.67 -3.68
N THR B 156 -3.61 19.56 -3.34
CA THR B 156 -4.98 19.30 -3.78
C THR B 156 -6.16 19.50 -2.80
N HIS B 157 -7.37 19.44 -3.34
CA HIS B 157 -8.61 19.53 -2.58
C HIS B 157 -9.39 18.28 -2.90
N THR B 158 -9.66 17.46 -1.89
CA THR B 158 -10.51 16.29 -2.11
C THR B 158 -11.84 16.68 -1.45
N SER B 159 -12.94 16.42 -2.15
CA SER B 159 -14.26 16.75 -1.60
C SER B 159 -14.71 15.66 -0.67
N PHE B 160 -14.69 15.96 0.62
CA PHE B 160 -15.09 15.01 1.65
C PHE B 160 -14.22 13.75 1.61
N SER B 161 -12.92 13.95 1.44
CA SER B 161 -11.95 12.86 1.41
C SER B 161 -12.17 11.80 0.34
N THR B 162 -12.54 12.24 -0.87
CA THR B 162 -12.75 11.31 -1.98
C THR B 162 -11.84 11.64 -3.15
N MET B 163 -11.56 10.62 -3.97
CA MET B 163 -10.74 10.76 -5.17
C MET B 163 -9.26 11.10 -5.01
N GLY B 164 -8.71 10.97 -3.80
CA GLY B 164 -7.31 11.28 -3.59
C GLY B 164 -6.38 10.41 -4.42
N LEU B 165 -6.66 9.11 -4.41
CA LEU B 165 -5.87 8.13 -5.15
C LEU B 165 -6.00 8.36 -6.68
N GLU B 166 -7.21 8.69 -7.13
CA GLU B 166 -7.46 8.95 -8.55
C GLU B 166 -6.69 10.20 -8.98
N GLN B 167 -6.58 11.18 -8.08
CA GLN B 167 -5.83 12.41 -8.35
C GLN B 167 -4.36 12.07 -8.57
N LEU B 168 -3.82 11.22 -7.69
CA LEU B 168 -2.41 10.81 -7.78
C LEU B 168 -2.13 10.03 -9.06
N ALA B 169 -3.03 9.10 -9.40
CA ALA B 169 -2.91 8.30 -10.62
C ALA B 169 -2.86 9.22 -11.84
N LEU B 170 -3.75 10.22 -11.86
CA LEU B 170 -3.81 11.18 -12.96
C LEU B 170 -2.52 11.99 -13.07
N LEU B 171 -2.07 12.57 -11.95
CA LEU B 171 -0.84 13.35 -11.96
C LEU B 171 0.37 12.50 -12.33
N GLN B 172 0.43 11.28 -11.84
CA GLN B 172 1.54 10.38 -12.12
C GLN B 172 1.62 10.00 -13.60
N ALA B 173 0.46 9.80 -14.22
CA ALA B 173 0.38 9.44 -15.63
C ALA B 173 0.91 10.59 -16.49
N HIS B 174 0.89 11.81 -15.93
CA HIS B 174 1.38 12.99 -16.63
C HIS B 174 2.77 13.44 -16.20
N GLY B 175 3.53 12.49 -15.69
CA GLY B 175 4.91 12.73 -15.31
C GLY B 175 5.25 13.40 -14.01
N VAL B 176 4.26 13.53 -13.12
CA VAL B 176 4.52 14.18 -11.84
C VAL B 176 5.17 13.26 -10.82
N ASP B 177 6.19 13.77 -10.14
CA ASP B 177 6.88 13.04 -9.08
C ASP B 177 5.93 13.25 -7.89
N LEU B 178 5.26 12.18 -7.48
CA LEU B 178 4.29 12.27 -6.40
C LEU B 178 4.83 12.72 -5.03
N SER B 179 6.15 12.75 -4.88
CA SER B 179 6.75 13.21 -3.63
C SER B 179 6.60 14.73 -3.57
N ARG B 180 6.23 15.32 -4.70
CA ARG B 180 6.03 16.77 -4.80
C ARG B 180 4.52 17.11 -4.80
N VAL B 181 3.70 16.14 -4.41
CA VAL B 181 2.26 16.32 -4.31
C VAL B 181 1.74 16.01 -2.89
N THR B 182 0.84 16.87 -2.39
CA THR B 182 0.23 16.67 -1.08
C THR B 182 -1.29 16.72 -1.25
N VAL B 183 -1.97 15.67 -0.78
CA VAL B 183 -3.43 15.54 -0.90
C VAL B 183 -4.15 16.18 0.28
N GLY B 184 -4.96 17.19 0.00
CA GLY B 184 -5.68 17.86 1.07
C GLY B 184 -6.99 17.23 1.44
N HIS B 185 -7.45 17.52 2.68
CA HIS B 185 -8.75 17.02 3.18
C HIS B 185 -8.90 15.51 3.28
N CYS B 186 -7.86 14.85 3.79
CA CYS B 186 -7.91 13.39 3.96
C CYS B 186 -8.55 13.02 5.30
N ASP B 187 -8.93 14.04 6.07
CA ASP B 187 -9.50 13.83 7.39
C ASP B 187 -10.97 14.23 7.60
N LEU B 188 -11.84 13.82 6.68
CA LEU B 188 -13.27 14.11 6.80
C LEU B 188 -14.10 12.83 6.94
N LYS B 189 -13.42 11.70 7.15
CA LYS B 189 -14.06 10.39 7.35
C LYS B 189 -12.98 9.37 7.73
N ASP B 190 -13.37 8.17 8.16
CA ASP B 190 -12.37 7.13 8.48
C ASP B 190 -11.72 6.87 7.12
N ASN B 191 -10.45 7.22 6.98
CA ASN B 191 -9.81 7.14 5.68
C ASN B 191 -8.41 6.53 5.68
N LEU B 192 -8.12 5.69 6.68
CA LEU B 192 -6.79 5.10 6.79
C LEU B 192 -6.32 4.28 5.58
N ASP B 193 -7.18 3.39 5.09
CA ASP B 193 -6.82 2.54 3.94
C ASP B 193 -6.34 3.35 2.73
N ASN B 194 -7.09 4.38 2.35
CA ASN B 194 -6.71 5.22 1.22
C ASN B 194 -5.51 6.08 1.55
N ILE B 195 -5.42 6.52 2.81
CA ILE B 195 -4.29 7.35 3.24
C ILE B 195 -2.96 6.60 3.08
N LEU B 196 -2.96 5.34 3.49
CA LEU B 196 -1.75 4.50 3.40
C LEU B 196 -1.39 4.27 1.93
N LYS B 197 -2.40 4.07 1.08
CA LYS B 197 -2.16 3.85 -0.35
C LYS B 197 -1.57 5.09 -1.03
N MET B 198 -1.98 6.27 -0.56
CA MET B 198 -1.47 7.53 -1.08
C MET B 198 -0.01 7.70 -0.65
N ILE B 199 0.27 7.36 0.61
CA ILE B 199 1.63 7.45 1.14
C ILE B 199 2.55 6.46 0.41
N ASP B 200 2.04 5.27 0.08
CA ASP B 200 2.81 4.26 -0.65
C ASP B 200 3.26 4.82 -2.01
N LEU B 201 2.38 5.59 -2.63
CA LEU B 201 2.67 6.19 -3.93
C LEU B 201 3.73 7.29 -3.85
N GLY B 202 4.11 7.65 -2.61
CA GLY B 202 5.13 8.67 -2.40
C GLY B 202 4.63 10.07 -2.09
N ALA B 203 3.30 10.22 -1.97
CA ALA B 203 2.72 11.54 -1.70
C ALA B 203 2.60 11.87 -0.22
N TYR B 204 2.35 13.16 0.06
CA TYR B 204 2.11 13.65 1.42
C TYR B 204 0.59 13.76 1.59
N VAL B 205 0.12 13.57 2.82
CA VAL B 205 -1.30 13.65 3.12
C VAL B 205 -1.52 14.74 4.17
N GLN B 206 -2.71 15.33 4.15
CA GLN B 206 -3.04 16.39 5.10
C GLN B 206 -4.31 16.19 5.90
N PHE B 207 -4.18 16.43 7.21
CA PHE B 207 -5.31 16.39 8.13
C PHE B 207 -5.47 17.90 8.31
N ASP B 208 -6.16 18.53 7.37
CA ASP B 208 -6.30 19.97 7.36
C ASP B 208 -7.71 20.54 7.65
N THR B 209 -8.61 19.72 8.18
CA THR B 209 -9.96 20.20 8.52
C THR B 209 -10.19 20.12 10.04
N ILE B 210 -9.10 20.26 10.80
CA ILE B 210 -9.13 20.22 12.26
C ILE B 210 -10.08 21.30 12.78
N GLY B 211 -10.98 20.90 13.68
CA GLY B 211 -11.95 21.83 14.23
C GLY B 211 -13.32 21.78 13.56
N LYS B 212 -13.38 21.19 12.36
CA LYS B 212 -14.64 21.06 11.62
C LYS B 212 -15.31 19.75 12.05
N ASN B 213 -15.65 19.72 13.34
CA ASN B 213 -16.25 18.58 14.01
C ASN B 213 -17.67 18.21 13.62
N SER B 214 -18.38 19.13 13.00
CA SER B 214 -19.74 18.84 12.56
C SER B 214 -19.68 18.01 11.27
N TYR B 215 -18.49 17.90 10.70
CA TYR B 215 -18.25 17.11 9.50
C TYR B 215 -17.67 15.74 9.91
N TYR B 216 -16.70 15.79 10.82
CA TYR B 216 -15.99 14.59 11.31
C TYR B 216 -15.34 15.02 12.64
N PRO B 217 -15.39 14.16 13.67
CA PRO B 217 -14.78 14.55 14.96
C PRO B 217 -13.25 14.54 15.07
N ASP B 218 -12.72 15.54 15.77
CA ASP B 218 -11.28 15.69 16.02
C ASP B 218 -10.73 14.45 16.70
N GLU B 219 -11.57 13.82 17.52
CA GLU B 219 -11.21 12.60 18.23
C GLU B 219 -10.84 11.48 17.26
N LYS B 220 -11.54 11.40 16.12
CA LYS B 220 -11.23 10.39 15.12
C LYS B 220 -10.01 10.80 14.29
N ARG B 221 -9.77 12.11 14.17
CA ARG B 221 -8.59 12.60 13.46
C ARG B 221 -7.37 12.14 14.29
N ILE B 222 -7.50 12.29 15.61
CA ILE B 222 -6.45 11.88 16.54
C ILE B 222 -6.22 10.36 16.46
N ALA B 223 -7.30 9.59 16.32
CA ALA B 223 -7.20 8.14 16.22
C ALA B 223 -6.39 7.74 14.98
N MET B 224 -6.67 8.40 13.85
CA MET B 224 -5.93 8.10 12.61
C MET B 224 -4.47 8.54 12.71
N LEU B 225 -4.20 9.65 13.40
CA LEU B 225 -2.82 10.09 13.57
C LEU B 225 -2.06 9.06 14.41
N HIS B 226 -2.77 8.46 15.38
CA HIS B 226 -2.16 7.43 16.22
C HIS B 226 -1.80 6.21 15.38
N ALA B 227 -2.68 5.83 14.46
CA ALA B 227 -2.44 4.68 13.57
C ALA B 227 -1.22 4.98 12.69
N LEU B 228 -1.14 6.22 12.19
CA LEU B 228 -0.02 6.60 11.34
C LEU B 228 1.31 6.65 12.11
N ARG B 229 1.26 7.05 13.37
CA ARG B 229 2.48 7.10 14.18
C ARG B 229 2.95 5.68 14.46
N ASP B 230 2.03 4.79 14.83
CA ASP B 230 2.38 3.41 15.14
C ASP B 230 2.94 2.68 13.93
N ARG B 231 2.66 3.20 12.74
CA ARG B 231 3.13 2.60 11.51
C ARG B 231 4.36 3.32 10.96
N GLY B 232 4.83 4.29 11.74
CA GLY B 232 6.01 5.07 11.39
C GLY B 232 5.88 5.96 10.17
N LEU B 233 4.66 6.45 9.94
CA LEU B 233 4.36 7.29 8.77
C LEU B 233 4.12 8.78 9.01
N LEU B 234 4.48 9.28 10.19
CA LEU B 234 4.30 10.68 10.51
C LEU B 234 5.07 11.62 9.59
N ASN B 235 6.13 11.13 8.95
CA ASN B 235 6.92 11.97 8.05
C ASN B 235 6.24 12.29 6.71
N ARG B 236 5.00 11.85 6.55
CA ARG B 236 4.23 12.13 5.35
C ARG B 236 2.92 12.87 5.66
N VAL B 237 2.71 13.19 6.93
CA VAL B 237 1.50 13.88 7.39
C VAL B 237 1.77 15.34 7.74
N MET B 238 0.90 16.23 7.24
CA MET B 238 0.98 17.66 7.53
C MET B 238 -0.40 18.10 8.03
N LEU B 239 -0.45 19.19 8.79
CA LEU B 239 -1.71 19.62 9.39
C LEU B 239 -2.16 21.05 9.08
N SER B 240 -3.45 21.31 9.32
CA SER B 240 -4.03 22.64 9.15
C SER B 240 -5.51 22.69 9.61
N MET B 241 -6.10 23.88 9.53
CA MET B 241 -7.49 24.15 9.93
C MET B 241 -8.40 24.41 8.71
N ASP B 242 -7.81 24.90 7.63
CA ASP B 242 -8.55 25.26 6.42
C ASP B 242 -9.63 26.30 6.76
N ILE B 243 -9.22 27.39 7.40
CA ILE B 243 -10.14 28.48 7.76
C ILE B 243 -10.63 29.08 6.42
N THR B 244 -11.96 29.22 6.30
CA THR B 244 -12.57 29.76 5.08
C THR B 244 -13.68 30.82 5.29
N ARG B 245 -14.22 30.91 6.52
CA ARG B 245 -15.32 31.83 6.82
C ARG B 245 -15.04 32.85 7.93
N ARG B 246 -15.74 33.99 7.86
CA ARG B 246 -15.61 35.04 8.88
C ARG B 246 -15.99 34.45 10.25
N SER B 247 -17.01 33.60 10.26
CA SER B 247 -17.49 33.00 11.50
C SER B 247 -16.45 32.08 12.16
N HIS B 248 -15.40 31.74 11.42
CA HIS B 248 -14.34 30.89 11.95
C HIS B 248 -13.38 31.70 12.81
N LEU B 249 -13.32 33.02 12.58
CA LEU B 249 -12.41 33.90 13.31
C LEU B 249 -12.86 34.15 14.76
N LYS B 250 -11.91 34.22 15.68
CA LYS B 250 -12.21 34.44 17.10
C LYS B 250 -13.01 35.72 17.39
N ALA B 251 -12.70 36.80 16.68
CA ALA B 251 -13.40 38.06 16.86
C ALA B 251 -14.89 37.97 16.49
N ASN B 252 -15.26 36.92 15.76
CA ASN B 252 -16.63 36.69 15.35
C ASN B 252 -17.24 35.50 16.10
N GLY B 253 -16.62 35.14 17.22
CA GLY B 253 -17.10 34.03 18.02
C GLY B 253 -16.65 32.67 17.52
N GLY B 254 -15.66 32.65 16.63
CA GLY B 254 -15.15 31.40 16.11
C GLY B 254 -14.00 30.84 16.92
N TYR B 255 -13.24 29.92 16.30
CA TYR B 255 -12.11 29.27 16.97
C TYR B 255 -10.71 29.77 16.58
N GLY B 256 -10.61 30.38 15.40
CA GLY B 256 -9.33 30.91 14.93
C GLY B 256 -8.31 29.88 14.46
N TYR B 257 -7.29 30.38 13.77
CA TYR B 257 -6.21 29.57 13.24
C TYR B 257 -5.42 28.88 14.35
N ASP B 258 -5.15 29.61 15.43
CA ASP B 258 -4.37 29.06 16.54
C ASP B 258 -5.04 27.95 17.35
N TYR B 259 -6.27 27.61 16.96
CA TYR B 259 -7.01 26.54 17.63
C TYR B 259 -6.17 25.28 17.52
N LEU B 260 -5.49 25.11 16.39
CA LEU B 260 -4.64 23.96 16.15
C LEU B 260 -3.64 23.75 17.31
N LEU B 261 -3.12 24.86 17.81
CA LEU B 261 -2.11 24.85 18.86
C LEU B 261 -2.61 25.03 20.28
N THR B 262 -3.72 25.76 20.45
CA THR B 262 -4.26 26.00 21.78
C THR B 262 -5.15 24.85 22.21
N THR B 263 -5.71 24.13 21.23
CA THR B 263 -6.61 23.05 21.53
C THR B 263 -6.29 21.69 20.94
N PHE B 264 -6.20 21.57 19.61
CA PHE B 264 -5.96 20.27 19.00
C PHE B 264 -4.66 19.56 19.38
N ILE B 265 -3.52 20.23 19.21
CA ILE B 265 -2.22 19.65 19.54
C ILE B 265 -2.18 19.22 21.02
N PRO B 266 -2.61 20.11 21.95
CA PRO B 266 -2.57 19.67 23.36
C PRO B 266 -3.37 18.36 23.57
N GLN B 267 -4.52 18.23 22.93
CA GLN B 267 -5.33 17.01 23.08
C GLN B 267 -4.57 15.84 22.46
N LEU B 268 -3.82 16.11 21.40
CA LEU B 268 -3.04 15.09 20.73
C LEU B 268 -1.90 14.65 21.64
N ARG B 269 -1.26 15.60 22.32
CA ARG B 269 -0.19 15.26 23.25
C ARG B 269 -0.75 14.50 24.46
N GLN B 270 -1.92 14.90 24.94
CA GLN B 270 -2.57 14.22 26.08
C GLN B 270 -2.90 12.78 25.73
N SER B 271 -3.20 12.51 24.46
CA SER B 271 -3.53 11.17 24.03
C SER B 271 -2.27 10.29 23.90
N GLY B 272 -1.10 10.92 23.96
CA GLY B 272 0.14 10.15 23.88
C GLY B 272 1.24 10.61 22.94
N PHE B 273 1.01 11.65 22.15
CA PHE B 273 2.05 12.11 21.22
C PHE B 273 3.17 12.90 21.86
N SER B 274 4.40 12.59 21.48
CA SER B 274 5.57 13.31 21.99
C SER B 274 5.66 14.62 21.22
N GLN B 275 6.33 15.61 21.78
CA GLN B 275 6.47 16.89 21.12
C GLN B 275 7.33 16.77 19.85
N ALA B 276 8.26 15.81 19.84
CA ALA B 276 9.13 15.61 18.68
C ALA B 276 8.27 15.18 17.48
N ASP B 277 7.29 14.32 17.75
CA ASP B 277 6.36 13.83 16.73
C ASP B 277 5.44 14.94 16.21
N VAL B 278 4.99 15.80 17.12
CA VAL B 278 4.17 16.94 16.73
C VAL B 278 5.02 17.78 15.76
N ASP B 279 6.28 18.00 16.11
CA ASP B 279 7.20 18.79 15.31
C ASP B 279 7.55 18.20 13.93
N VAL B 280 7.51 16.87 13.81
CA VAL B 280 7.77 16.23 12.52
C VAL B 280 6.69 16.76 11.54
N MET B 281 5.44 16.78 12.01
CA MET B 281 4.31 17.21 11.19
C MET B 281 4.22 18.72 10.96
N LEU B 282 4.43 19.49 12.02
CA LEU B 282 4.33 20.94 11.95
C LEU B 282 5.56 21.72 11.46
N ARG B 283 6.77 21.20 11.66
CA ARG B 283 7.97 21.90 11.24
C ARG B 283 8.83 21.19 10.19
N GLU B 284 9.20 19.94 10.48
CA GLU B 284 10.06 19.17 9.58
C GLU B 284 9.48 18.89 8.20
N ASN B 285 8.32 18.25 8.16
CA ASN B 285 7.66 17.90 6.91
C ASN B 285 7.46 19.11 5.98
N PRO B 286 6.87 20.21 6.49
CA PRO B 286 6.65 21.41 5.67
C PRO B 286 7.94 22.00 5.10
N SER B 287 8.98 22.09 5.93
CA SER B 287 10.25 22.65 5.48
C SER B 287 10.83 21.81 4.34
N GLN B 288 10.56 20.52 4.38
CA GLN B 288 11.04 19.58 3.37
C GLN B 288 10.20 19.63 2.10
N PHE B 289 8.89 19.76 2.27
CA PHE B 289 7.96 19.77 1.14
C PHE B 289 7.78 21.09 0.41
N PHE B 290 7.55 22.16 1.16
CA PHE B 290 7.29 23.48 0.58
C PHE B 290 8.45 24.28 0.04
N GLN B 291 9.68 23.86 0.35
CA GLN B 291 10.86 24.56 -0.14
C GLN B 291 11.40 23.99 -1.46
ZN ZN C . 9.03 -25.37 -0.16
ZN ZN D . 10.55 -22.84 -1.75
S SO4 E . 14.37 -7.96 -4.93
O1 SO4 E . 15.73 -7.73 -4.47
O2 SO4 E . 14.37 -8.91 -6.12
O3 SO4 E . 13.48 -8.61 -3.83
O4 SO4 E . 13.73 -6.61 -5.27
S SO4 F . 15.30 -24.48 5.18
O1 SO4 F . 16.67 -24.48 5.67
O2 SO4 F . 15.04 -25.78 4.42
O3 SO4 F . 14.25 -24.41 6.32
O4 SO4 F . 15.07 -23.25 4.32
C1 MPD G . 1.84 0.15 -7.05
C2 MPD G . 1.14 0.25 -5.71
O2 MPD G . 0.60 1.67 -5.80
CM MPD G . -0.13 -0.46 -5.28
C3 MPD G . 2.18 0.16 -4.56
C4 MPD G . 3.47 0.81 -4.84
O4 MPD G . 3.05 2.16 -4.98
C5 MPD G . 4.38 0.61 -3.60
C1 GOL H . 11.58 -41.35 -17.10
O1 GOL H . 10.31 -41.67 -16.51
C2 GOL H . 11.56 -39.98 -17.85
O2 GOL H . 12.56 -39.09 -17.28
C3 GOL H . 10.15 -39.30 -17.75
O3 GOL H . 10.22 -37.91 -18.07
ZN ZN I . -9.21 25.40 1.40
ZN ZN J . -10.29 22.68 -0.12
#